data_9HY5
#
_entry.id   9HY5
#
_cell.length_a   64.731
_cell.length_b   64.731
_cell.length_c   160.990
_cell.angle_alpha   90.00
_cell.angle_beta   90.00
_cell.angle_gamma   120.00
#
_symmetry.space_group_name_H-M   'P 32 2 1'
#
loop_
_entity.id
_entity.type
_entity.pdbx_description
1 polymer 'sc-4E (scFv derived from the mAb 4E1 against CD93)'
2 non-polymer 'CHLORIDE ION'
3 non-polymer 1,2-ETHANEDIOL
4 non-polymer IMIDAZOLE
5 non-polymer 'SODIUM ION'
6 water water
#
_entity_poly.entity_id   1
_entity_poly.type   'polypeptide(L)'
_entity_poly.pdbx_seq_one_letter_code
;MDQEQLQQPGTELVKPGASVRLSCKTSGYTFASYTLHWVKQTPGQGLDWIGAIYPGNGDTSYNQKFKDKATLTADKSSST
AYMQLSNLTSEDSAVYYCARLDWYFDLWGAGTTVTVSAAGGGGSGGGGSGGGGSDIVLTQSPTSLAVSLGQRATISCKAS
QSVDYDGDSYMNWYQQKPGQPPRLLIYAASNLESGIPARFSGSGSGTDFTLNIHPVEEEDAATYYCQQNNEDPRTFGGGT
KLEIKLEMGSSHHHHHHSSGENLYFQGHM
;
_entity_poly.pdbx_strand_id   A
#
loop_
_chem_comp.id
_chem_comp.type
_chem_comp.name
_chem_comp.formula
CL non-polymer 'CHLORIDE ION' 'Cl -1'
EDO non-polymer 1,2-ETHANEDIOL 'C2 H6 O2'
IMD non-polymer IMIDAZOLE 'C3 H5 N2 1'
NA non-polymer 'SODIUM ION' 'Na 1'
#
# COMPACT_ATOMS: atom_id res chain seq x y z
N GLN A 3 -3.88 -5.38 20.95
CA GLN A 3 -2.89 -4.93 19.93
C GLN A 3 -3.54 -3.86 19.02
N GLU A 4 -2.71 -3.17 18.26
CA GLU A 4 -3.22 -2.11 17.39
C GLU A 4 -3.86 -2.76 16.17
N GLN A 5 -5.07 -2.32 15.83
CA GLN A 5 -5.76 -2.90 14.71
CA GLN A 5 -5.85 -2.92 14.78
C GLN A 5 -6.54 -1.82 13.97
N LEU A 6 -6.65 -2.04 12.65
CA LEU A 6 -7.49 -1.24 11.77
C LEU A 6 -8.46 -2.24 11.14
N GLN A 7 -9.74 -2.16 11.49
CA GLN A 7 -10.69 -3.19 11.04
C GLN A 7 -11.62 -2.63 9.96
N GLN A 8 -11.59 -3.28 8.78
CA GLN A 8 -12.36 -2.83 7.62
C GLN A 8 -13.31 -3.96 7.19
N PRO A 9 -14.56 -3.64 6.74
CA PRO A 9 -15.48 -4.65 6.18
C PRO A 9 -14.90 -5.36 4.95
N GLY A 10 -15.26 -6.63 4.75
CA GLY A 10 -14.62 -7.36 3.65
C GLY A 10 -15.03 -6.86 2.24
N THR A 11 -16.35 -6.68 1.99
CA THR A 11 -16.86 -6.42 0.63
C THR A 11 -18.01 -5.40 0.64
N GLU A 12 -18.10 -4.64 -0.45
CA GLU A 12 -19.27 -3.81 -0.70
C GLU A 12 -19.66 -4.05 -2.15
N LEU A 13 -20.90 -4.55 -2.41
CA LEU A 13 -21.38 -4.73 -3.78
C LEU A 13 -22.35 -3.59 -4.15
N VAL A 14 -21.99 -2.74 -5.13
CA VAL A 14 -22.63 -1.42 -5.24
C VAL A 14 -22.98 -1.16 -6.70
N LYS A 15 -23.92 -0.23 -6.94
CA LYS A 15 -24.39 0.09 -8.28
C LYS A 15 -23.64 1.30 -8.85
N PRO A 16 -23.42 1.37 -10.18
CA PRO A 16 -22.88 2.59 -10.80
C PRO A 16 -23.73 3.80 -10.44
N GLY A 17 -23.06 4.91 -10.15
CA GLY A 17 -23.77 6.14 -9.87
C GLY A 17 -24.09 6.33 -8.39
N ALA A 18 -24.02 5.27 -7.58
CA ALA A 18 -24.27 5.41 -6.14
C ALA A 18 -23.02 5.96 -5.45
N SER A 19 -23.12 6.20 -4.13
CA SER A 19 -21.97 6.45 -3.28
CA SER A 19 -21.96 6.44 -3.28
C SER A 19 -21.85 5.30 -2.28
N VAL A 20 -20.64 5.09 -1.75
CA VAL A 20 -20.49 4.07 -0.72
C VAL A 20 -19.60 4.68 0.37
N ARG A 21 -19.89 4.33 1.62
CA ARG A 21 -19.03 4.77 2.71
C ARG A 21 -18.25 3.59 3.27
N LEU A 22 -16.91 3.69 3.23
CA LEU A 22 -16.06 2.63 3.76
C LEU A 22 -15.61 3.03 5.17
N SER A 23 -15.51 2.04 6.07
CA SER A 23 -15.18 2.32 7.46
C SER A 23 -13.84 1.66 7.82
N CYS A 24 -13.14 2.27 8.77
CA CYS A 24 -11.90 1.75 9.30
C CYS A 24 -11.98 1.97 10.81
N LYS A 25 -12.36 0.90 11.54
CA LYS A 25 -12.52 0.96 12.99
C LYS A 25 -11.18 0.66 13.65
N THR A 26 -10.64 1.65 14.42
CA THR A 26 -9.31 1.52 14.96
C THR A 26 -9.41 1.09 16.43
N SER A 27 -8.37 0.41 16.91
CA SER A 27 -8.24 0.07 18.31
C SER A 27 -6.80 -0.14 18.72
N GLY A 28 -6.53 -0.09 20.04
CA GLY A 28 -5.18 -0.47 20.47
C GLY A 28 -4.21 0.71 20.60
N TYR A 29 -4.62 1.91 20.17
CA TYR A 29 -3.78 3.10 20.23
C TYR A 29 -4.70 4.32 20.22
N THR A 30 -4.16 5.53 20.45
CA THR A 30 -4.98 6.73 20.51
C THR A 30 -5.29 7.23 19.11
N PHE A 31 -6.55 7.04 18.68
CA PHE A 31 -7.01 7.33 17.33
C PHE A 31 -6.67 8.77 16.95
N ALA A 32 -6.87 9.71 17.88
CA ALA A 32 -6.78 11.12 17.55
C ALA A 32 -5.36 11.53 17.17
N SER A 33 -4.33 10.77 17.58
CA SER A 33 -2.96 11.23 17.54
C SER A 33 -2.15 10.79 16.31
N TYR A 34 -2.69 9.94 15.42
CA TYR A 34 -1.90 9.44 14.29
C TYR A 34 -2.65 9.62 12.97
N THR A 35 -1.97 10.18 11.96
CA THR A 35 -2.57 10.31 10.63
C THR A 35 -2.95 8.92 10.07
N LEU A 36 -4.09 8.87 9.36
CA LEU A 36 -4.43 7.64 8.66
C LEU A 36 -4.52 7.95 7.18
N HIS A 37 -4.09 6.98 6.36
CA HIS A 37 -4.03 7.13 4.92
C HIS A 37 -4.94 6.09 4.27
N TRP A 38 -5.43 6.41 3.07
CA TRP A 38 -6.25 5.43 2.33
C TRP A 38 -5.54 5.16 0.98
N VAL A 39 -5.59 3.88 0.51
CA VAL A 39 -4.77 3.42 -0.61
C VAL A 39 -5.69 2.56 -1.49
N LYS A 40 -5.62 2.76 -2.81
CA LYS A 40 -6.46 1.97 -3.76
C LYS A 40 -5.57 0.90 -4.41
N GLN A 41 -6.01 -0.38 -4.50
CA GLN A 41 -5.18 -1.36 -5.17
C GLN A 41 -5.97 -1.92 -6.35
N THR A 42 -5.33 -1.99 -7.52
CA THR A 42 -5.87 -2.68 -8.70
C THR A 42 -4.80 -3.58 -9.29
N PRO A 43 -5.14 -4.61 -10.11
CA PRO A 43 -4.10 -5.45 -10.73
C PRO A 43 -3.11 -4.70 -11.66
N GLY A 44 -3.63 -3.76 -12.45
CA GLY A 44 -2.81 -3.12 -13.49
C GLY A 44 -2.02 -1.94 -12.96
N GLN A 45 -2.57 -1.24 -11.96
CA GLN A 45 -1.93 0.01 -11.52
C GLN A 45 -1.29 -0.14 -10.16
N GLY A 46 -1.28 -1.35 -9.59
CA GLY A 46 -0.65 -1.45 -8.28
C GLY A 46 -1.41 -0.66 -7.20
N LEU A 47 -0.68 0.14 -6.42
CA LEU A 47 -1.25 0.87 -5.28
C LEU A 47 -1.25 2.35 -5.63
N ASP A 48 -2.34 3.04 -5.26
CA ASP A 48 -2.48 4.48 -5.47
CA ASP A 48 -2.44 4.48 -5.46
C ASP A 48 -2.82 5.13 -4.14
N TRP A 49 -2.05 6.18 -3.75
CA TRP A 49 -2.34 6.91 -2.52
C TRP A 49 -3.51 7.84 -2.77
N ILE A 50 -4.59 7.69 -1.98
CA ILE A 50 -5.80 8.51 -2.18
C ILE A 50 -5.66 9.84 -1.40
N GLY A 51 -5.29 9.72 -0.13
CA GLY A 51 -5.29 10.90 0.74
C GLY A 51 -5.15 10.48 2.19
N ALA A 52 -5.08 11.46 3.10
CA ALA A 52 -4.81 11.17 4.50
C ALA A 52 -5.63 12.15 5.33
N ILE A 53 -5.91 11.74 6.57
CA ILE A 53 -6.67 12.55 7.55
C ILE A 53 -5.92 12.50 8.88
N TYR A 54 -5.83 13.67 9.60
CA TYR A 54 -5.39 13.63 10.96
C TYR A 54 -6.61 13.60 11.85
N PRO A 55 -6.91 12.48 12.53
CA PRO A 55 -8.22 12.38 13.23
C PRO A 55 -8.46 13.39 14.37
N GLY A 56 -7.38 13.83 15.01
CA GLY A 56 -7.44 14.79 16.12
C GLY A 56 -8.26 16.05 15.75
N ASN A 57 -8.07 16.57 14.52
CA ASN A 57 -8.72 17.81 14.12
C ASN A 57 -9.51 17.66 12.82
N GLY A 58 -9.45 16.50 12.16
CA GLY A 58 -10.20 16.34 10.92
C GLY A 58 -9.51 16.96 9.69
N ASP A 59 -8.27 17.43 9.82
CA ASP A 59 -7.59 18.01 8.68
C ASP A 59 -7.35 16.92 7.62
N THR A 60 -7.46 17.26 6.32
CA THR A 60 -7.30 16.25 5.26
C THR A 60 -6.34 16.75 4.18
N SER A 61 -5.70 15.82 3.47
CA SER A 61 -4.93 16.09 2.26
C SER A 61 -5.35 15.03 1.24
N TYR A 62 -5.45 15.41 -0.03
CA TYR A 62 -5.93 14.49 -1.05
C TYR A 62 -4.96 14.53 -2.22
N ASN A 63 -4.74 13.38 -2.84
CA ASN A 63 -4.09 13.31 -4.13
C ASN A 63 -5.03 14.00 -5.12
N GLN A 64 -4.48 14.90 -5.93
CA GLN A 64 -5.30 15.68 -6.86
CA GLN A 64 -5.29 15.68 -6.86
C GLN A 64 -6.19 14.75 -7.67
N LYS A 65 -5.69 13.55 -8.00
CA LYS A 65 -6.50 12.67 -8.85
C LYS A 65 -7.75 12.15 -8.17
N PHE A 66 -7.82 12.20 -6.83
CA PHE A 66 -8.97 11.66 -6.11
C PHE A 66 -9.78 12.76 -5.43
N LYS A 67 -9.49 14.05 -5.68
CA LYS A 67 -10.09 15.10 -4.87
C LYS A 67 -11.61 15.11 -5.05
N ASP A 68 -12.12 14.75 -6.22
CA ASP A 68 -13.56 14.80 -6.41
C ASP A 68 -14.21 13.46 -6.01
N LYS A 69 -13.45 12.39 -6.08
CA LYS A 69 -13.97 11.04 -5.90
C LYS A 69 -14.09 10.67 -4.41
N ALA A 70 -13.11 11.07 -3.58
CA ALA A 70 -13.06 10.63 -2.20
C ALA A 70 -13.33 11.77 -1.24
N THR A 71 -13.97 11.45 -0.10
CA THR A 71 -14.11 12.38 1.02
C THR A 71 -13.76 11.63 2.31
N LEU A 72 -12.74 12.12 3.02
CA LEU A 72 -12.32 11.46 4.25
C LEU A 72 -12.92 12.18 5.46
N THR A 73 -13.40 11.40 6.42
CA THR A 73 -13.86 11.93 7.69
C THR A 73 -13.39 11.05 8.84
N ALA A 74 -13.53 11.56 10.07
CA ALA A 74 -13.15 10.81 11.25
C ALA A 74 -14.19 11.07 12.33
N ASP A 75 -14.50 10.01 13.10
CA ASP A 75 -15.41 10.07 14.24
C ASP A 75 -14.70 9.64 15.53
N LYS A 76 -14.21 10.63 16.28
CA LYS A 76 -13.50 10.35 17.52
C LYS A 76 -14.33 9.53 18.51
N SER A 77 -15.66 9.72 18.52
CA SER A 77 -16.51 9.04 19.49
C SER A 77 -16.52 7.53 19.31
N SER A 78 -16.24 7.05 18.07
CA SER A 78 -16.19 5.62 17.80
C SER A 78 -14.80 5.18 17.32
N SER A 79 -13.81 6.09 17.35
CA SER A 79 -12.44 5.75 16.92
C SER A 79 -12.47 5.15 15.52
N THR A 80 -13.32 5.71 14.64
CA THR A 80 -13.50 5.17 13.29
C THR A 80 -13.27 6.25 12.24
N ALA A 81 -12.48 5.93 11.20
CA ALA A 81 -12.30 6.79 10.06
C ALA A 81 -13.16 6.28 8.90
N TYR A 82 -13.63 7.21 8.06
CA TYR A 82 -14.43 6.80 6.92
C TYR A 82 -13.98 7.46 5.63
N MET A 83 -14.23 6.74 4.53
CA MET A 83 -13.97 7.29 3.23
C MET A 83 -15.24 7.08 2.40
N GLN A 84 -15.79 8.18 1.93
CA GLN A 84 -16.91 8.06 1.00
C GLN A 84 -16.38 8.14 -0.42
N LEU A 85 -16.86 7.22 -1.29
CA LEU A 85 -16.55 7.27 -2.70
C LEU A 85 -17.85 7.64 -3.42
N SER A 86 -17.82 8.72 -4.20
CA SER A 86 -19.05 9.25 -4.79
C SER A 86 -19.11 8.95 -6.29
N ASN A 87 -20.31 8.96 -6.86
CA ASN A 87 -20.47 8.81 -8.31
C ASN A 87 -19.75 7.58 -8.84
N LEU A 88 -20.06 6.40 -8.29
CA LEU A 88 -19.29 5.19 -8.58
C LEU A 88 -19.34 4.83 -10.07
N THR A 89 -18.19 4.42 -10.61
CA THR A 89 -18.08 3.86 -11.96
C THR A 89 -17.28 2.56 -11.90
N SER A 90 -17.22 1.83 -13.02
CA SER A 90 -16.45 0.59 -13.09
C SER A 90 -14.98 0.79 -12.72
N GLU A 91 -14.48 2.01 -12.96
CA GLU A 91 -13.08 2.35 -12.68
C GLU A 91 -12.81 2.45 -11.17
N ASP A 92 -13.86 2.47 -10.34
CA ASP A 92 -13.76 2.43 -8.88
C ASP A 92 -13.69 1.00 -8.30
N SER A 93 -14.00 -0.02 -9.11
CA SER A 93 -13.84 -1.39 -8.61
C SER A 93 -12.37 -1.61 -8.23
N ALA A 94 -12.14 -1.99 -6.97
CA ALA A 94 -10.77 -2.12 -6.47
C ALA A 94 -10.82 -2.57 -5.02
N VAL A 95 -9.65 -2.80 -4.41
CA VAL A 95 -9.58 -2.95 -2.96
C VAL A 95 -9.04 -1.65 -2.36
N TYR A 96 -9.62 -1.24 -1.23
CA TYR A 96 -9.24 0.02 -0.60
C TYR A 96 -8.77 -0.31 0.82
N TYR A 97 -7.56 0.18 1.17
CA TYR A 97 -7.00 -0.10 2.48
C TYR A 97 -6.90 1.22 3.27
N CYS A 98 -7.15 1.14 4.56
CA CYS A 98 -6.67 2.23 5.44
C CYS A 98 -5.38 1.80 6.12
N ALA A 99 -4.47 2.76 6.41
CA ALA A 99 -3.15 2.36 6.94
C ALA A 99 -2.47 3.55 7.63
N ARG A 100 -1.58 3.22 8.57
CA ARG A 100 -0.52 4.19 8.96
C ARG A 100 0.68 3.90 8.06
N LEU A 101 1.06 4.89 7.22
CA LEU A 101 2.10 4.65 6.19
C LEU A 101 3.50 5.05 6.61
N ASP A 102 3.66 5.93 7.62
CA ASP A 102 5.06 6.18 7.94
C ASP A 102 5.69 4.90 8.47
N TRP A 103 6.91 4.61 8.03
CA TRP A 103 7.47 3.27 8.27
C TRP A 103 7.48 2.93 9.77
N TYR A 104 7.89 3.89 10.62
CA TYR A 104 7.98 3.62 12.04
C TYR A 104 6.64 3.32 12.72
N PHE A 105 5.52 3.65 12.08
CA PHE A 105 4.22 3.34 12.66
C PHE A 105 3.43 2.32 11.81
N ASP A 106 4.09 1.64 10.85
CA ASP A 106 3.42 0.84 9.83
C ASP A 106 2.29 -0.01 10.42
N LEU A 107 1.09 0.11 9.82
CA LEU A 107 -0.11 -0.61 10.27
C LEU A 107 -1.10 -0.58 9.12
N TRP A 108 -1.62 -1.78 8.72
CA TRP A 108 -2.59 -1.81 7.61
C TRP A 108 -3.86 -2.55 8.02
N GLY A 109 -5.00 -1.99 7.57
CA GLY A 109 -6.25 -2.74 7.53
C GLY A 109 -6.17 -3.85 6.47
N ALA A 110 -7.17 -4.77 6.51
CA ALA A 110 -7.14 -5.88 5.55
C ALA A 110 -7.76 -5.51 4.20
N GLY A 111 -8.35 -4.31 4.09
CA GLY A 111 -8.88 -3.81 2.84
C GLY A 111 -10.35 -4.20 2.65
N THR A 112 -11.10 -3.27 2.04
CA THR A 112 -12.49 -3.52 1.60
C THR A 112 -12.52 -3.60 0.08
N THR A 113 -13.04 -4.73 -0.44
CA THR A 113 -13.23 -4.84 -1.88
C THR A 113 -14.53 -4.12 -2.25
N VAL A 114 -14.43 -3.14 -3.14
CA VAL A 114 -15.60 -2.42 -3.63
C VAL A 114 -15.82 -2.92 -5.06
N THR A 115 -17.00 -3.53 -5.32
CA THR A 115 -17.27 -4.13 -6.62
C THR A 115 -18.46 -3.37 -7.22
N VAL A 116 -18.17 -2.53 -8.23
CA VAL A 116 -19.22 -1.73 -8.84
C VAL A 116 -19.78 -2.63 -9.97
N SER A 117 -21.07 -2.96 -9.87
CA SER A 117 -21.60 -4.13 -10.56
C SER A 117 -22.85 -3.71 -11.32
N ALA A 118 -22.84 -3.94 -12.64
CA ALA A 118 -24.00 -3.70 -13.49
C ALA A 118 -23.81 -4.56 -14.73
N ALA A 119 -24.64 -5.60 -14.88
CA ALA A 119 -24.44 -6.59 -15.93
C ALA A 119 -24.78 -6.05 -17.32
N GLY A 120 -25.59 -4.99 -17.39
CA GLY A 120 -25.96 -4.41 -18.68
C GLY A 120 -27.20 -5.08 -19.27
N SER A 134 4.02 15.47 -13.00
CA SER A 134 5.27 15.58 -12.21
C SER A 134 5.24 14.64 -10.99
N ASP A 135 4.22 13.79 -10.87
CA ASP A 135 4.27 12.78 -9.80
C ASP A 135 5.45 11.85 -10.06
N ILE A 136 6.08 11.33 -8.99
CA ILE A 136 7.17 10.40 -9.23
C ILE A 136 6.60 9.06 -9.66
N VAL A 137 7.08 8.51 -10.80
CA VAL A 137 6.63 7.20 -11.28
C VAL A 137 7.65 6.15 -10.85
N LEU A 138 7.18 5.01 -10.29
CA LEU A 138 8.05 3.93 -9.88
C LEU A 138 7.73 2.72 -10.78
N THR A 139 8.77 2.19 -11.45
CA THR A 139 8.59 1.07 -12.36
C THR A 139 9.30 -0.14 -11.78
N GLN A 140 8.56 -1.26 -11.63
CA GLN A 140 9.14 -2.49 -11.12
C GLN A 140 9.45 -3.42 -12.29
N SER A 141 10.53 -4.21 -12.15
CA SER A 141 10.88 -5.17 -13.18
C SER A 141 11.50 -6.38 -12.50
N PRO A 142 11.10 -7.64 -12.77
CA PRO A 142 9.92 -7.98 -13.55
C PRO A 142 8.63 -7.70 -12.79
N THR A 143 7.50 -7.89 -13.47
CA THR A 143 6.23 -7.68 -12.77
C THR A 143 5.67 -9.02 -12.26
N SER A 144 6.24 -10.13 -12.72
CA SER A 144 5.92 -11.44 -12.16
C SER A 144 7.12 -12.36 -12.38
N LEU A 145 7.28 -13.27 -11.43
CA LEU A 145 8.37 -14.21 -11.54
C LEU A 145 8.09 -15.45 -10.70
N ALA A 146 8.60 -16.60 -11.21
CA ALA A 146 8.50 -17.86 -10.49
C ALA A 146 9.93 -18.30 -10.22
N VAL A 147 10.23 -18.61 -8.97
CA VAL A 147 11.57 -18.97 -8.53
C VAL A 147 11.50 -20.29 -7.77
N SER A 148 12.46 -21.21 -8.03
CA SER A 148 12.45 -22.47 -7.30
C SER A 148 12.91 -22.29 -5.85
N LEU A 149 12.39 -23.17 -5.00
CA LEU A 149 12.75 -23.18 -3.61
C LEU A 149 14.27 -23.18 -3.48
N GLY A 150 14.80 -22.32 -2.61
CA GLY A 150 16.25 -22.29 -2.43
C GLY A 150 17.01 -21.36 -3.38
N GLN A 151 16.36 -20.84 -4.42
CA GLN A 151 17.06 -19.97 -5.37
C GLN A 151 16.87 -18.50 -4.99
N ARG A 152 17.27 -17.56 -5.87
CA ARG A 152 17.27 -16.12 -5.60
C ARG A 152 16.18 -15.44 -6.41
N ALA A 153 15.45 -14.53 -5.76
CA ALA A 153 14.60 -13.59 -6.47
C ALA A 153 15.23 -12.20 -6.38
N THR A 154 15.28 -11.49 -7.52
CA THR A 154 15.82 -10.12 -7.56
C THR A 154 14.81 -9.26 -8.31
N ILE A 155 14.42 -8.11 -7.72
CA ILE A 155 13.35 -7.27 -8.25
C ILE A 155 13.86 -5.85 -8.23
N SER A 156 13.73 -5.18 -9.37
CA SER A 156 14.18 -3.81 -9.55
C SER A 156 13.01 -2.86 -9.36
N CYS A 157 13.29 -1.68 -8.75
CA CYS A 157 12.34 -0.59 -8.75
C CYS A 157 13.10 0.68 -9.16
N LYS A 158 12.61 1.36 -10.19
CA LYS A 158 13.30 2.58 -10.63
C LYS A 158 12.35 3.76 -10.62
N ALA A 159 12.82 4.90 -10.06
CA ALA A 159 12.01 6.09 -9.89
C ALA A 159 12.28 7.06 -11.03
N SER A 160 11.28 7.86 -11.40
CA SER A 160 11.47 8.82 -12.48
C SER A 160 12.32 10.03 -12.04
N GLN A 161 12.38 10.30 -10.72
CA GLN A 161 13.27 11.31 -10.16
C GLN A 161 13.83 10.78 -8.85
N SER A 162 14.92 11.41 -8.35
CA SER A 162 15.58 10.95 -7.14
C SER A 162 14.61 10.97 -5.95
N VAL A 163 14.72 9.97 -5.09
CA VAL A 163 13.90 9.96 -3.90
C VAL A 163 14.78 10.12 -2.67
N ASP A 164 15.99 10.68 -2.82
CA ASP A 164 16.89 10.85 -1.70
C ASP A 164 16.80 12.26 -1.09
N TYR A 165 17.04 12.32 0.22
CA TYR A 165 17.22 13.60 0.93
C TYR A 165 18.22 13.36 2.06
N ASP A 166 19.24 14.23 2.16
CA ASP A 166 20.22 14.20 3.24
C ASP A 166 20.90 12.82 3.34
N GLY A 167 21.18 12.19 2.18
CA GLY A 167 21.79 10.86 2.16
C GLY A 167 20.86 9.68 2.57
N ASP A 168 19.58 9.94 2.83
CA ASP A 168 18.63 8.84 3.11
C ASP A 168 17.71 8.66 1.92
N SER A 169 17.37 7.40 1.57
CA SER A 169 16.40 7.17 0.50
C SER A 169 15.00 6.98 1.07
N TYR A 170 14.10 7.88 0.68
CA TYR A 170 12.72 7.86 1.12
C TYR A 170 11.98 6.88 0.22
N MET A 171 12.43 5.65 0.28
CA MET A 171 11.74 4.54 -0.42
CA MET A 171 11.73 4.54 -0.43
C MET A 171 11.64 3.24 0.45
N ASN A 172 10.43 2.69 0.44
CA ASN A 172 10.23 1.47 1.22
C ASN A 172 9.76 0.34 0.28
N TRP A 173 9.90 -0.93 0.71
CA TRP A 173 9.25 -2.07 0.05
C TRP A 173 8.15 -2.61 0.97
N TYR A 174 7.04 -3.04 0.36
CA TYR A 174 5.96 -3.67 1.11
C TYR A 174 5.76 -5.09 0.55
N GLN A 175 5.30 -6.01 1.43
CA GLN A 175 4.99 -7.38 0.99
C GLN A 175 3.54 -7.64 1.31
N GLN A 176 2.85 -8.26 0.35
CA GLN A 176 1.50 -8.74 0.63
C GLN A 176 1.40 -10.25 0.31
N LYS A 177 1.47 -11.08 1.36
CA LYS A 177 1.26 -12.52 1.19
C LYS A 177 -0.21 -12.79 0.86
N PRO A 178 -0.50 -13.92 0.16
CA PRO A 178 -1.88 -14.21 -0.28
C PRO A 178 -2.81 -14.27 0.92
N GLY A 179 -3.91 -13.51 0.81
CA GLY A 179 -4.96 -13.46 1.80
C GLY A 179 -4.65 -12.59 3.01
N GLN A 180 -3.45 -11.96 3.05
CA GLN A 180 -3.03 -11.19 4.21
CA GLN A 180 -2.98 -11.20 4.19
C GLN A 180 -2.95 -9.72 3.83
N PRO A 181 -2.96 -8.80 4.83
CA PRO A 181 -2.82 -7.36 4.53
C PRO A 181 -1.40 -7.09 4.04
N PRO A 182 -1.15 -5.97 3.33
CA PRO A 182 0.24 -5.58 3.06
C PRO A 182 0.94 -5.31 4.38
N ARG A 183 2.28 -5.40 4.37
CA ARG A 183 3.05 -5.01 5.54
C ARG A 183 4.40 -4.46 5.09
N LEU A 184 4.97 -3.55 5.91
CA LEU A 184 6.32 -3.10 5.59
C LEU A 184 7.36 -4.23 5.69
N LEU A 185 8.23 -4.24 4.68
CA LEU A 185 9.28 -5.26 4.53
C LEU A 185 10.65 -4.61 4.77
N ILE A 186 10.98 -3.56 4.00
CA ILE A 186 12.26 -2.86 4.12
C ILE A 186 11.94 -1.36 4.11
N TYR A 187 12.61 -0.60 4.98
CA TYR A 187 12.37 0.85 4.97
C TYR A 187 13.66 1.59 4.65
N ALA A 188 13.50 2.75 4.01
CA ALA A 188 14.62 3.59 3.60
C ALA A 188 15.68 2.78 2.86
N ALA A 189 15.19 2.03 1.86
CA ALA A 189 15.96 1.29 0.87
C ALA A 189 16.61 0.02 1.39
N SER A 190 17.23 0.07 2.59
CA SER A 190 18.09 -1.04 2.96
C SER A 190 17.87 -1.60 4.37
N ASN A 191 16.92 -1.07 5.15
CA ASN A 191 16.70 -1.51 6.52
C ASN A 191 15.58 -2.54 6.64
N LEU A 192 15.87 -3.72 7.20
CA LEU A 192 14.82 -4.72 7.41
C LEU A 192 13.90 -4.25 8.53
N GLU A 193 12.56 -4.32 8.31
CA GLU A 193 11.61 -4.04 9.39
C GLU A 193 11.81 -5.11 10.47
N SER A 194 11.49 -4.79 11.75
CA SER A 194 11.47 -5.81 12.80
C SER A 194 10.65 -7.03 12.42
N GLY A 195 11.23 -8.21 12.69
CA GLY A 195 10.53 -9.45 12.46
C GLY A 195 10.68 -9.99 11.04
N ILE A 196 11.32 -9.22 10.16
CA ILE A 196 11.49 -9.68 8.77
C ILE A 196 12.74 -10.56 8.72
N PRO A 197 12.70 -11.76 8.11
CA PRO A 197 13.88 -12.63 8.06
C PRO A 197 15.09 -12.13 7.27
N ALA A 198 16.27 -12.59 7.72
CA ALA A 198 17.54 -12.18 7.16
C ALA A 198 17.71 -12.49 5.67
N ARG A 199 16.90 -13.40 5.09
CA ARG A 199 17.04 -13.72 3.66
C ARG A 199 16.59 -12.60 2.74
N PHE A 200 15.93 -11.56 3.29
CA PHE A 200 15.58 -10.39 2.50
C PHE A 200 16.67 -9.33 2.62
N SER A 201 16.93 -8.59 1.54
CA SER A 201 17.89 -7.50 1.56
C SER A 201 17.47 -6.46 0.51
N GLY A 202 17.77 -5.21 0.80
CA GLY A 202 17.47 -4.16 -0.16
C GLY A 202 18.72 -3.31 -0.36
N SER A 203 18.84 -2.77 -1.56
CA SER A 203 19.96 -1.92 -1.91
C SER A 203 19.45 -0.75 -2.75
N GLY A 204 20.34 0.23 -2.99
CA GLY A 204 20.02 1.26 -3.96
C GLY A 204 20.10 2.67 -3.36
N SER A 205 20.06 3.65 -4.26
CA SER A 205 20.03 5.05 -3.89
C SER A 205 19.56 5.83 -5.11
N GLY A 206 19.11 7.06 -4.87
CA GLY A 206 18.84 7.97 -5.96
C GLY A 206 17.55 7.57 -6.68
N THR A 207 17.68 7.00 -7.89
CA THR A 207 16.51 6.52 -8.63
C THR A 207 16.48 4.99 -8.73
N ASP A 208 17.50 4.25 -8.32
CA ASP A 208 17.54 2.82 -8.64
CA ASP A 208 17.54 2.82 -8.64
C ASP A 208 17.67 1.98 -7.37
N PHE A 209 16.71 1.04 -7.19
CA PHE A 209 16.65 0.25 -5.97
C PHE A 209 16.42 -1.22 -6.34
N THR A 210 16.90 -2.13 -5.49
CA THR A 210 16.81 -3.56 -5.79
C THR A 210 16.43 -4.31 -4.51
N LEU A 211 15.46 -5.23 -4.61
CA LEU A 211 15.14 -6.15 -3.54
C LEU A 211 15.69 -7.52 -3.91
N ASN A 212 16.34 -8.16 -2.93
CA ASN A 212 16.88 -9.52 -3.10
C ASN A 212 16.28 -10.43 -2.04
N ILE A 213 15.97 -11.67 -2.43
CA ILE A 213 15.50 -12.66 -1.47
C ILE A 213 16.27 -13.94 -1.78
N HIS A 214 17.02 -14.46 -0.79
CA HIS A 214 17.75 -15.71 -1.02
C HIS A 214 18.17 -16.28 0.32
N PRO A 215 18.03 -17.61 0.55
CA PRO A 215 17.30 -18.52 -0.36
C PRO A 215 15.79 -18.39 -0.22
N VAL A 216 15.07 -18.38 -1.34
CA VAL A 216 13.61 -18.28 -1.31
C VAL A 216 12.97 -19.51 -0.63
N GLU A 217 11.99 -19.24 0.25
CA GLU A 217 11.13 -20.24 0.89
C GLU A 217 9.68 -20.07 0.45
N GLU A 218 8.82 -21.08 0.71
CA GLU A 218 7.44 -21.09 0.27
CA GLU A 218 7.42 -21.09 0.27
C GLU A 218 6.69 -19.86 0.80
N GLU A 219 7.01 -19.48 2.07
CA GLU A 219 6.36 -18.36 2.74
CA GLU A 219 6.36 -18.36 2.73
C GLU A 219 6.64 -17.04 2.01
N ASP A 220 7.55 -17.02 1.04
CA ASP A 220 7.93 -15.76 0.42
C ASP A 220 7.11 -15.48 -0.83
N ALA A 221 6.27 -16.44 -1.24
CA ALA A 221 5.33 -16.15 -2.31
C ALA A 221 4.38 -15.01 -1.89
N ALA A 222 4.35 -13.92 -2.65
CA ALA A 222 3.70 -12.69 -2.23
C ALA A 222 3.76 -11.71 -3.40
N THR A 223 3.04 -10.60 -3.28
CA THR A 223 3.23 -9.47 -4.18
C THR A 223 4.02 -8.40 -3.44
N TYR A 224 5.07 -7.89 -4.11
CA TYR A 224 5.99 -6.92 -3.55
C TYR A 224 5.74 -5.58 -4.23
N TYR A 225 5.67 -4.48 -3.43
CA TYR A 225 5.48 -3.16 -3.98
C TYR A 225 6.56 -2.22 -3.44
N CYS A 226 7.16 -1.41 -4.33
CA CYS A 226 7.98 -0.32 -3.78
C CYS A 226 7.11 0.92 -3.63
N GLN A 227 7.65 1.91 -2.86
CA GLN A 227 6.90 3.10 -2.53
C GLN A 227 7.91 4.22 -2.32
N GLN A 228 7.55 5.41 -2.76
CA GLN A 228 8.37 6.57 -2.37
C GLN A 228 7.57 7.55 -1.55
N ASN A 229 8.27 8.19 -0.60
CA ASN A 229 7.58 9.21 0.21
C ASN A 229 8.48 10.43 0.38
N ASN A 230 9.29 10.67 -0.66
CA ASN A 230 10.15 11.87 -0.67
C ASN A 230 9.33 13.10 -1.07
N GLU A 231 8.38 12.93 -2.02
CA GLU A 231 7.57 14.04 -2.52
C GLU A 231 6.10 13.63 -2.47
N ASP A 232 5.19 14.59 -2.34
CA ASP A 232 3.76 14.38 -2.45
C ASP A 232 3.34 14.46 -3.90
N PRO A 233 2.40 13.61 -4.36
CA PRO A 233 1.81 12.55 -3.51
C PRO A 233 2.80 11.39 -3.39
N ARG A 234 2.69 10.65 -2.28
CA ARG A 234 3.32 9.34 -2.19
CA ARG A 234 3.30 9.34 -2.19
C ARG A 234 2.87 8.50 -3.38
N THR A 235 3.81 7.72 -3.95
CA THR A 235 3.46 6.84 -5.08
C THR A 235 4.06 5.46 -4.88
N PHE A 236 3.49 4.48 -5.59
CA PHE A 236 3.92 3.10 -5.45
C PHE A 236 4.16 2.54 -6.85
N GLY A 237 4.98 1.48 -6.89
CA GLY A 237 5.18 0.67 -8.10
C GLY A 237 3.93 -0.17 -8.40
N GLY A 238 3.94 -0.81 -9.56
CA GLY A 238 2.71 -1.54 -9.91
C GLY A 238 2.64 -2.93 -9.30
N GLY A 239 3.69 -3.36 -8.59
CA GLY A 239 3.77 -4.65 -7.91
C GLY A 239 4.47 -5.73 -8.71
N THR A 240 5.12 -6.63 -7.99
CA THR A 240 5.74 -7.83 -8.61
C THR A 240 5.19 -9.03 -7.86
N LYS A 241 4.56 -9.98 -8.60
CA LYS A 241 4.04 -11.20 -7.96
C LYS A 241 5.09 -12.29 -8.08
N LEU A 242 5.54 -12.77 -6.93
CA LEU A 242 6.51 -13.84 -6.83
C LEU A 242 5.74 -15.12 -6.46
N GLU A 243 5.90 -16.14 -7.32
CA GLU A 243 5.44 -17.47 -6.95
C GLU A 243 6.60 -18.47 -6.88
N ILE A 244 6.34 -19.65 -6.30
CA ILE A 244 7.33 -20.72 -6.25
C ILE A 244 7.24 -21.54 -7.53
N LYS A 245 8.40 -21.73 -8.19
CA LYS A 245 8.44 -22.57 -9.40
C LYS A 245 8.56 -24.01 -8.94
N LEU A 246 7.45 -24.76 -9.05
CA LEU A 246 7.40 -26.14 -8.56
C LEU A 246 8.37 -27.04 -9.34
N GLU A 247 9.10 -27.91 -8.62
CA GLU A 247 10.09 -28.77 -9.24
C GLU A 247 9.56 -30.21 -9.32
CL CL B . 16.12 -16.34 6.73
C1 EDO C . 13.92 8.33 6.63
O1 EDO C . 13.84 7.50 7.80
C2 EDO C . 13.61 7.61 5.35
O2 EDO C . 12.27 7.08 5.44
C1 EDO D . 19.39 -3.19 -13.21
O1 EDO D . 19.41 -1.89 -13.74
C2 EDO D . 18.05 -3.84 -13.27
O2 EDO D . 16.92 -3.13 -13.76
N1 IMD E . -4.04 15.40 7.35
C2 IMD E . -3.74 16.58 6.59
N3 IMD E . -2.70 16.36 5.83
C4 IMD E . -2.32 15.06 6.09
C5 IMD E . -3.16 14.48 7.04
C1 EDO F . -10.46 8.68 -9.32
O1 EDO F . -11.47 8.86 -10.31
C2 EDO F . -9.08 8.67 -9.88
O2 EDO F . -8.77 7.54 -10.68
CL CL G . 9.74 -6.31 -16.84
CL CL H . 5.48 -1.23 -12.25
CL CL I . -5.87 18.62 -0.32
CL CL J . -8.91 9.36 20.34
CL CL K . 20.88 13.04 -0.80
NA NA L . 13.54 -4.66 -17.03
NA NA M . -9.80 4.28 20.38
#